data_8JM4
#
_entry.id   8JM4
#
_cell.length_a   49.519
_cell.length_b   90.968
_cell.length_c   130.493
_cell.angle_alpha   90.00
_cell.angle_beta   90.00
_cell.angle_gamma   90.00
#
_symmetry.space_group_name_H-M   'P 21 21 21'
#
loop_
_entity.id
_entity.type
_entity.pdbx_description
1 polymer '(R)-mandelonitrile lyase'
2 non-polymer (2S)-2-methyl-4H-1,3-benzodioxine-6-carbaldehyde
3 non-polymer 'FLAVIN-ADENINE DINUCLEOTIDE'
4 non-polymer 2-acetamido-2-deoxy-beta-D-glucopyranose
5 non-polymer DI(HYDROXYETHYL)ETHER
6 non-polymer 'DIMETHYL SULFOXIDE'
7 water water
#
_entity_poly.entity_id   1
_entity_poly.type   'polypeptide(L)'
_entity_poly.pdbx_seq_one_letter_code
;IDHHHHHHLANTSAHDFSYLKFVYNATDTSLEGSYDYIVIGGGTSGCPLAATLSEKYKVLLLERGTIATEYPNTLTADGF
AYNLQQQDDGKTPVERFVSEDGIDNVRARILGGTTIINAGVYARANISFYSQTGIEWDLDLVNKTYEWVEDAIVVKPNNQ
SWQSVIGEGFLEAGILPDNGFSLDHEAGTRLTGSTFDNNGTRHAADELLNKGDPNNLLVAVQASVEKILFSSNTSNLSAI
GVIYTDSDGNSHQAFVRGNGEVIVSAGTIGTPQLLLLSGVGPESYLSSLNITVVQPNPYVGQFVYDNPRNFINILPPNPI
EASVVTVLGIRSDYYQVSASSLPFSTPPFSLFPTTSYPLPNSTFAHIVSQVPGPLSHGSVTLNSSSDVRIAPNIKFNYYS
NSTDLANCVSGMKKLGDLLRTKALEPYKARDVLGIDGFNYLGVPLPENQTDDASFETFCLDNVASYWHYHGGSLVGKVLD
DSFRVMGIKALRVVDASTFPYEPNSHPQGFYLMLGRYVGLQILQERSIRLEAIHNIQESM
;
_entity_poly.pdbx_strand_id   A
#
loop_
_chem_comp.id
_chem_comp.type
_chem_comp.name
_chem_comp.formula
DMS non-polymer 'DIMETHYL SULFOXIDE' 'C2 H6 O S'
FAD non-polymer 'FLAVIN-ADENINE DINUCLEOTIDE' 'C27 H33 N9 O15 P2'
FQ9 non-polymer (2S)-2-methyl-4H-1,3-benzodioxine-6-carbaldehyde 'C10 H10 O3'
NAG D-saccharide, beta linking 2-acetamido-2-deoxy-beta-D-glucopyranose 'C8 H15 N O6'
PEG non-polymer DI(HYDROXYETHYL)ETHER 'C4 H10 O3'
#
# COMPACT_ATOMS: atom_id res chain seq x y z
N HIS A 6 6.43 -18.11 16.16
CA HIS A 6 5.37 -17.03 16.22
C HIS A 6 5.08 -16.64 17.67
N HIS A 7 6.00 -16.96 18.59
CA HIS A 7 6.00 -16.52 20.02
C HIS A 7 5.80 -15.00 20.07
N HIS A 8 6.33 -14.27 19.09
CA HIS A 8 6.62 -12.81 19.11
C HIS A 8 5.40 -11.98 18.68
N LEU A 9 4.37 -12.58 18.05
CA LEU A 9 3.26 -11.79 17.43
C LEU A 9 2.54 -10.98 18.50
N ALA A 10 1.87 -9.91 18.07
CA ALA A 10 1.09 -9.00 18.92
C ALA A 10 -0.07 -9.82 19.50
N ASN A 11 -0.60 -9.38 20.65
CA ASN A 11 -1.84 -9.90 21.28
C ASN A 11 -2.98 -8.95 20.88
N THR A 12 -4.22 -9.35 21.15
CA THR A 12 -5.40 -8.45 21.05
C THR A 12 -5.19 -7.29 22.03
N SER A 13 -5.40 -6.05 21.57
CA SER A 13 -5.20 -4.82 22.37
C SER A 13 -5.85 -3.62 21.67
N ALA A 14 -6.15 -2.56 22.41
CA ALA A 14 -6.68 -1.31 21.82
C ALA A 14 -5.57 -0.69 20.95
N HIS A 15 -5.98 0.12 20.00
CA HIS A 15 -5.03 0.85 19.14
C HIS A 15 -4.24 1.78 20.08
N ASP A 16 -2.91 1.72 20.05
CA ASP A 16 -2.06 2.48 20.98
C ASP A 16 -1.79 3.90 20.43
N PHE A 17 -2.49 4.91 20.95
CA PHE A 17 -2.24 6.33 20.57
C PHE A 17 -1.35 7.08 21.59
N SER A 18 -0.49 6.40 22.32
CA SER A 18 0.42 7.06 23.31
C SER A 18 1.25 8.12 22.57
N TYR A 19 1.65 7.84 21.31
CA TYR A 19 2.52 8.74 20.52
C TYR A 19 1.87 10.14 20.33
N LEU A 20 0.56 10.28 20.51
CA LEU A 20 -0.11 11.61 20.38
C LEU A 20 0.52 12.62 21.35
N LYS A 21 1.28 12.20 22.34
CA LYS A 21 1.97 13.19 23.22
C LYS A 21 3.04 13.98 22.46
N PHE A 22 3.52 13.54 21.29
CA PHE A 22 4.54 14.32 20.53
C PHE A 22 4.01 14.59 19.11
N VAL A 23 2.70 14.62 18.96
CA VAL A 23 2.03 15.00 17.68
C VAL A 23 1.47 16.42 17.85
N TYR A 24 1.80 17.30 16.92
CA TYR A 24 1.42 18.73 16.91
C TYR A 24 0.77 19.12 15.57
N ASN A 25 -0.11 20.10 15.64
CA ASN A 25 -0.66 20.83 14.47
C ASN A 25 0.51 21.56 13.75
N ALA A 26 0.65 21.44 12.43
CA ALA A 26 1.64 22.17 11.64
C ALA A 26 1.47 23.70 11.74
N THR A 27 0.36 24.19 12.26
CA THR A 27 0.16 25.65 12.55
C THR A 27 1.17 26.11 13.61
N ASP A 28 1.82 25.20 14.32
CA ASP A 28 2.77 25.56 15.42
C ASP A 28 4.14 25.95 14.85
N THR A 29 4.44 27.25 14.81
CA THR A 29 5.67 27.76 14.18
C THR A 29 6.90 27.31 14.98
N SER A 30 6.71 26.90 16.23
CA SER A 30 7.84 26.47 17.08
C SER A 30 8.42 25.13 16.60
N LEU A 31 7.72 24.41 15.69
CA LEU A 31 8.27 23.22 14.97
C LEU A 31 9.31 23.62 13.94
N GLU A 32 9.28 24.86 13.48
CA GLU A 32 10.22 25.27 12.44
C GLU A 32 11.61 25.35 13.04
N GLY A 33 12.59 24.93 12.26
CA GLY A 33 13.99 24.96 12.71
C GLY A 33 14.78 23.83 12.12
N SER A 34 15.83 23.44 12.84
CA SER A 34 16.74 22.38 12.36
C SER A 34 16.57 21.08 13.13
N TYR A 35 16.64 20.00 12.36
CA TYR A 35 16.57 18.61 12.85
C TYR A 35 17.73 17.84 12.26
N ASP A 36 17.98 16.65 12.82
CA ASP A 36 18.90 15.72 12.15
C ASP A 36 18.23 15.10 10.91
N TYR A 37 16.98 14.72 11.01
CA TYR A 37 16.25 14.04 9.90
C TYR A 37 14.88 14.65 9.75
N ILE A 38 14.47 14.84 8.50
CA ILE A 38 13.07 15.18 8.17
C ILE A 38 12.54 14.05 7.32
N VAL A 39 11.46 13.46 7.77
CA VAL A 39 10.79 12.38 6.99
C VAL A 39 9.46 12.92 6.47
N ILE A 40 9.24 12.81 5.16
CA ILE A 40 8.07 13.42 4.45
C ILE A 40 7.05 12.32 4.22
N GLY A 41 6.00 12.32 4.98
CA GLY A 41 4.98 11.27 4.81
C GLY A 41 5.00 10.30 5.97
N GLY A 42 4.01 10.44 6.83
CA GLY A 42 3.81 9.57 8.01
C GLY A 42 3.05 8.31 7.64
N GLY A 43 3.56 7.55 6.67
CA GLY A 43 2.82 6.37 6.22
C GLY A 43 3.51 5.06 6.57
N THR A 44 3.41 4.09 5.68
CA THR A 44 3.77 2.66 5.90
C THR A 44 5.26 2.55 6.14
N SER A 45 6.06 3.19 5.33
CA SER A 45 7.52 3.20 5.52
C SER A 45 7.89 4.36 6.45
N GLY A 46 7.23 5.51 6.28
CA GLY A 46 7.69 6.73 6.95
C GLY A 46 7.62 6.65 8.46
N CYS A 47 6.58 6.03 9.03
CA CYS A 47 6.42 6.00 10.50
C CYS A 47 7.54 5.18 11.11
N PRO A 48 7.79 3.92 10.70
CA PRO A 48 8.87 3.15 11.31
C PRO A 48 10.24 3.77 11.05
N LEU A 49 10.41 4.41 9.88
CA LEU A 49 11.67 5.10 9.57
C LEU A 49 11.92 6.18 10.63
N ALA A 50 10.97 7.07 10.82
CA ALA A 50 11.06 8.20 11.77
C ALA A 50 11.27 7.64 13.18
N ALA A 51 10.54 6.61 13.58
CA ALA A 51 10.67 6.02 14.93
C ALA A 51 12.12 5.54 15.11
N THR A 52 12.66 4.83 14.13
CA THR A 52 14.00 4.23 14.17
C THR A 52 15.08 5.31 14.20
N LEU A 53 15.05 6.30 13.31
CA LEU A 53 16.07 7.38 13.38
C LEU A 53 16.01 8.06 14.78
N SER A 54 14.86 8.19 15.37
CA SER A 54 14.63 8.96 16.63
C SER A 54 15.33 8.32 17.83
N GLU A 55 15.79 7.09 17.66
CA GLU A 55 16.50 6.36 18.74
C GLU A 55 17.79 7.12 19.08
N LYS A 56 18.42 7.73 18.08
CA LYS A 56 19.73 8.42 18.22
C LYS A 56 19.65 9.91 17.85
N TYR A 57 18.68 10.33 17.00
CA TYR A 57 18.73 11.67 16.38
C TYR A 57 17.40 12.41 16.51
N LYS A 58 17.44 13.73 16.31
CA LYS A 58 16.25 14.61 16.36
C LYS A 58 15.51 14.51 15.02
N VAL A 59 14.25 14.09 15.03
CA VAL A 59 13.48 13.73 13.80
C VAL A 59 12.20 14.58 13.75
N LEU A 60 11.91 15.14 12.56
CA LEU A 60 10.61 15.76 12.27
C LEU A 60 9.91 14.87 11.23
N LEU A 61 8.75 14.39 11.57
CA LEU A 61 7.88 13.64 10.61
C LEU A 61 6.73 14.55 10.22
N LEU A 62 6.57 14.77 8.91
CA LEU A 62 5.55 15.70 8.39
C LEU A 62 4.51 14.86 7.66
N GLU A 63 3.27 14.96 8.10
CA GLU A 63 2.17 14.19 7.45
C GLU A 63 1.09 15.18 7.02
N ARG A 64 0.63 15.05 5.76
CA ARG A 64 -0.38 15.96 5.22
C ARG A 64 -1.75 15.67 5.83
N GLY A 65 -2.06 14.43 6.21
CA GLY A 65 -3.34 14.12 6.83
C GLY A 65 -3.44 14.48 8.34
N THR A 66 -4.58 14.17 8.93
CA THR A 66 -4.84 14.34 10.37
C THR A 66 -4.59 12.99 11.09
N ILE A 67 -4.92 12.94 12.37
CA ILE A 67 -4.75 11.73 13.19
C ILE A 67 -6.00 10.85 13.03
N ALA A 68 -5.80 9.54 13.13
CA ALA A 68 -6.87 8.57 12.87
C ALA A 68 -8.03 8.67 13.87
N THR A 69 -7.82 9.22 15.05
CA THR A 69 -8.92 9.37 16.06
C THR A 69 -10.02 10.27 15.50
N GLU A 70 -9.71 11.10 14.52
CA GLU A 70 -10.72 11.97 13.86
C GLU A 70 -11.69 11.15 13.02
N TYR A 71 -11.29 9.95 12.62
CA TYR A 71 -12.08 9.06 11.73
C TYR A 71 -12.10 7.66 12.30
N PRO A 72 -12.95 7.45 13.34
CA PRO A 72 -12.98 6.18 14.07
C PRO A 72 -13.21 4.92 13.22
N ASN A 73 -13.85 5.03 12.04
CA ASN A 73 -14.14 3.87 11.15
C ASN A 73 -12.84 3.35 10.56
N THR A 74 -11.73 4.09 10.69
CA THR A 74 -10.39 3.55 10.34
C THR A 74 -9.86 2.57 11.38
N LEU A 75 -10.47 2.47 12.57
CA LEU A 75 -9.81 1.73 13.66
C LEU A 75 -10.42 0.33 13.89
N THR A 76 -11.31 -0.16 12.99
CA THR A 76 -11.95 -1.51 13.13
C THR A 76 -12.06 -2.15 11.76
N ALA A 77 -12.00 -3.48 11.74
CA ALA A 77 -12.23 -4.28 10.52
C ALA A 77 -13.59 -3.92 9.92
N ASP A 78 -14.62 -3.76 10.76
CA ASP A 78 -16.02 -3.47 10.36
C ASP A 78 -16.11 -2.15 9.58
N GLY A 79 -15.17 -1.24 9.78
CA GLY A 79 -15.20 0.13 9.24
C GLY A 79 -14.56 0.22 7.87
N PHE A 80 -13.96 -0.86 7.37
CA PHE A 80 -13.16 -0.78 6.12
C PHE A 80 -13.99 -0.12 5.02
N ALA A 81 -15.17 -0.64 4.75
CA ALA A 81 -15.99 -0.22 3.61
C ALA A 81 -16.43 1.25 3.77
N TYR A 82 -16.73 1.66 5.00
CA TYR A 82 -17.21 3.02 5.33
C TYR A 82 -16.20 4.06 4.83
N ASN A 83 -14.92 3.79 5.01
CA ASN A 83 -13.92 4.80 4.65
C ASN A 83 -13.85 4.96 3.15
N LEU A 84 -14.10 3.89 2.38
CA LEU A 84 -14.12 3.95 0.90
C LEU A 84 -15.47 4.55 0.44
N GLN A 85 -16.54 4.34 1.21
CA GLN A 85 -17.88 4.88 0.86
C GLN A 85 -17.91 6.38 1.05
N GLN A 86 -17.15 6.86 2.03
CA GLN A 86 -17.21 8.26 2.53
C GLN A 86 -16.71 9.15 1.40
N GLN A 87 -17.41 10.28 1.16
CA GLN A 87 -17.04 11.23 0.12
C GLN A 87 -15.74 11.92 0.49
N ASP A 88 -14.94 12.20 -0.52
CA ASP A 88 -13.61 12.81 -0.33
C ASP A 88 -13.82 14.31 -0.29
N ASP A 89 -13.68 14.90 0.89
CA ASP A 89 -13.89 16.36 1.08
C ASP A 89 -12.55 17.08 1.16
N GLY A 90 -11.44 16.39 0.88
CA GLY A 90 -10.06 16.91 1.01
C GLY A 90 -9.46 16.71 2.40
N LYS A 91 -10.21 16.24 3.37
CA LYS A 91 -9.75 16.07 4.77
C LYS A 91 -9.74 14.59 5.15
N THR A 92 -10.50 13.80 4.42
CA THR A 92 -10.87 12.42 4.79
C THR A 92 -9.63 11.55 4.67
N PRO A 93 -9.58 10.39 5.36
CA PRO A 93 -8.40 9.52 5.32
C PRO A 93 -8.19 8.85 3.96
N VAL A 94 -9.27 8.69 3.22
CA VAL A 94 -9.24 8.15 1.83
C VAL A 94 -9.29 9.34 0.89
N GLU A 95 -8.29 9.43 0.04
CA GLU A 95 -8.28 10.32 -1.14
C GLU A 95 -8.64 9.50 -2.39
N ARG A 96 -9.67 9.96 -3.11
CA ARG A 96 -10.15 9.30 -4.33
C ARG A 96 -9.34 9.79 -5.52
N PHE A 97 -9.05 8.89 -6.45
CA PHE A 97 -8.50 9.34 -7.75
C PHE A 97 -8.94 8.35 -8.83
N VAL A 98 -8.77 8.77 -10.08
CA VAL A 98 -9.11 7.93 -11.25
C VAL A 98 -7.88 7.96 -12.13
N SER A 99 -7.31 6.80 -12.44
CA SER A 99 -6.15 6.75 -13.33
C SER A 99 -6.61 7.23 -14.71
N GLU A 100 -5.67 7.60 -15.55
CA GLU A 100 -6.02 7.99 -16.94
C GLU A 100 -6.55 6.78 -17.71
N ASP A 101 -6.34 5.55 -17.25
CA ASP A 101 -6.92 4.31 -17.82
C ASP A 101 -8.43 4.25 -17.58
N GLY A 102 -8.95 5.06 -16.66
CA GLY A 102 -10.39 5.12 -16.35
C GLY A 102 -10.75 4.26 -15.15
N ILE A 103 -9.77 3.86 -14.33
CA ILE A 103 -9.99 2.92 -13.19
C ILE A 103 -9.94 3.69 -11.87
N ASP A 104 -11.04 3.65 -11.12
CA ASP A 104 -11.19 4.30 -9.80
C ASP A 104 -10.15 3.68 -8.85
N ASN A 105 -9.63 4.50 -7.94
CA ASN A 105 -8.53 4.10 -7.05
C ASN A 105 -8.59 5.00 -5.83
N VAL A 106 -7.76 4.69 -4.86
CA VAL A 106 -7.68 5.50 -3.61
C VAL A 106 -6.26 5.45 -3.10
N ARG A 107 -5.89 6.48 -2.35
CA ARG A 107 -4.65 6.48 -1.55
C ARG A 107 -5.00 7.10 -0.20
N ALA A 108 -4.15 6.87 0.78
CA ALA A 108 -4.39 7.37 2.14
C ALA A 108 -3.96 8.84 2.31
N ARG A 109 -4.57 9.49 3.29
CA ARG A 109 -4.29 10.88 3.66
C ARG A 109 -4.46 10.96 5.16
N ILE A 110 -3.52 10.41 5.91
CA ILE A 110 -3.79 10.18 7.35
C ILE A 110 -2.49 9.72 8.01
N LEU A 111 -2.30 10.07 9.28
CA LEU A 111 -1.09 9.63 10.00
C LEU A 111 -1.18 8.11 10.24
N GLY A 112 -0.20 7.38 9.69
CA GLY A 112 -0.25 5.92 9.54
C GLY A 112 -0.37 5.50 8.07
N GLY A 113 -0.74 6.41 7.20
CA GLY A 113 -0.82 6.15 5.77
C GLY A 113 -1.73 5.01 5.44
N THR A 114 -1.37 4.25 4.44
CA THR A 114 -2.33 3.31 3.85
C THR A 114 -2.62 2.17 4.84
N THR A 115 -1.76 1.94 5.83
CA THR A 115 -2.02 0.93 6.91
C THR A 115 -3.23 1.29 7.76
N ILE A 116 -3.74 2.53 7.69
CA ILE A 116 -4.94 2.96 8.43
C ILE A 116 -6.20 2.66 7.61
N ILE A 117 -6.13 2.41 6.31
CA ILE A 117 -7.35 2.25 5.47
C ILE A 117 -7.38 0.93 4.70
N ASN A 118 -6.39 0.06 4.88
CA ASN A 118 -6.16 -1.08 3.99
C ASN A 118 -6.89 -2.33 4.53
N ALA A 119 -6.70 -3.44 3.86
CA ALA A 119 -7.47 -4.68 4.11
C ALA A 119 -6.75 -5.57 5.13
N GLY A 120 -5.64 -5.09 5.72
CA GLY A 120 -5.04 -5.69 6.91
C GLY A 120 -4.16 -6.89 6.63
N VAL A 121 -4.11 -7.37 5.40
CA VAL A 121 -3.40 -8.66 5.17
C VAL A 121 -1.91 -8.46 5.37
N TYR A 122 -1.27 -9.33 6.14
CA TYR A 122 0.16 -9.22 6.47
C TYR A 122 0.91 -10.45 5.94
N ALA A 123 1.97 -10.18 5.18
CA ALA A 123 2.92 -11.19 4.67
C ALA A 123 4.32 -10.58 4.68
N ARG A 124 5.32 -11.42 4.90
CA ARG A 124 6.73 -11.10 4.58
C ARG A 124 6.99 -11.25 3.07
N ALA A 125 8.05 -10.60 2.58
CA ALA A 125 8.44 -10.71 1.16
C ALA A 125 8.77 -12.17 0.80
N ASN A 126 8.40 -12.55 -0.40
CA ASN A 126 8.94 -13.75 -1.07
C ASN A 126 10.46 -13.79 -0.87
N ILE A 127 11.02 -14.83 -0.26
CA ILE A 127 12.48 -14.82 0.08
C ILE A 127 13.38 -14.72 -1.16
N SER A 128 12.94 -15.08 -2.37
CA SER A 128 13.70 -14.85 -3.63
C SER A 128 13.75 -13.36 -4.02
N PHE A 129 12.93 -12.50 -3.42
CA PHE A 129 12.87 -11.06 -3.83
C PHE A 129 14.23 -10.40 -3.62
N TYR A 130 14.88 -10.70 -2.50
CA TYR A 130 16.11 -9.98 -2.09
C TYR A 130 17.17 -10.18 -3.16
N SER A 131 17.43 -11.43 -3.54
CA SER A 131 18.46 -11.72 -4.56
C SER A 131 18.01 -11.14 -5.91
N GLN A 132 16.72 -11.13 -6.21
CA GLN A 132 16.24 -10.63 -7.52
C GLN A 132 16.62 -9.15 -7.65
N THR A 133 16.60 -8.39 -6.55
CA THR A 133 16.85 -6.93 -6.57
C THR A 133 18.32 -6.67 -6.90
N GLY A 134 19.20 -7.59 -6.50
CA GLY A 134 20.67 -7.41 -6.51
C GLY A 134 21.15 -6.46 -5.41
N ILE A 135 20.30 -5.96 -4.53
CA ILE A 135 20.74 -5.14 -3.38
C ILE A 135 21.47 -6.05 -2.38
N GLU A 136 22.56 -5.57 -1.79
CA GLU A 136 23.31 -6.30 -0.73
C GLU A 136 22.54 -6.13 0.58
N TRP A 137 21.46 -6.88 0.71
CA TRP A 137 20.64 -6.89 1.94
C TRP A 137 21.37 -7.60 3.08
N ASP A 138 21.27 -7.01 4.25
CA ASP A 138 21.55 -7.69 5.53
C ASP A 138 20.32 -8.51 5.91
N LEU A 139 20.33 -9.77 5.51
CA LEU A 139 19.12 -10.62 5.59
C LEU A 139 18.79 -10.98 7.04
N ASP A 140 19.81 -11.20 7.90
CA ASP A 140 19.54 -11.40 9.33
C ASP A 140 18.79 -10.17 9.86
N LEU A 141 19.25 -8.95 9.51
CA LEU A 141 18.63 -7.72 10.03
C LEU A 141 17.21 -7.56 9.48
N VAL A 142 17.00 -7.90 8.21
CA VAL A 142 15.64 -7.90 7.57
C VAL A 142 14.70 -8.71 8.47
N ASN A 143 15.13 -9.91 8.84
CA ASN A 143 14.25 -10.80 9.64
C ASN A 143 14.06 -10.26 11.05
N LYS A 144 15.08 -9.70 11.70
CA LYS A 144 14.89 -9.08 13.05
C LYS A 144 13.86 -7.93 12.97
N THR A 145 13.89 -7.19 11.86
CA THR A 145 13.03 -6.01 11.63
C THR A 145 11.60 -6.48 11.36
N TYR A 146 11.39 -7.53 10.57
CA TYR A 146 10.04 -8.14 10.45
C TYR A 146 9.49 -8.48 11.85
N GLU A 147 10.32 -9.02 12.74
CA GLU A 147 9.84 -9.43 14.10
C GLU A 147 9.50 -8.20 14.93
N TRP A 148 10.27 -7.12 14.75
CA TRP A 148 10.01 -5.85 15.43
C TRP A 148 8.63 -5.35 15.00
N VAL A 149 8.30 -5.37 13.71
CA VAL A 149 6.95 -4.93 13.24
C VAL A 149 5.88 -5.89 13.81
N GLU A 150 6.12 -7.18 13.69
CA GLU A 150 5.10 -8.22 13.94
C GLU A 150 4.74 -8.29 15.42
N ASP A 151 5.73 -8.10 16.28
CA ASP A 151 5.50 -8.04 17.74
C ASP A 151 4.57 -6.87 18.10
N ALA A 152 4.55 -5.78 17.32
CA ALA A 152 3.73 -4.61 17.65
C ALA A 152 2.31 -4.72 17.08
N ILE A 153 2.11 -5.18 15.82
CA ILE A 153 0.82 -4.90 15.13
C ILE A 153 0.29 -6.11 14.36
N VAL A 154 0.96 -7.26 14.37
CA VAL A 154 0.48 -8.44 13.60
C VAL A 154 -0.06 -9.55 14.52
N VAL A 155 -1.20 -10.13 14.16
CA VAL A 155 -1.71 -11.32 14.92
C VAL A 155 -1.86 -12.51 14.00
N LYS A 156 -1.94 -13.66 14.65
CA LYS A 156 -2.47 -14.88 14.03
C LYS A 156 -3.99 -14.79 14.05
N PRO A 157 -4.66 -14.75 12.88
CA PRO A 157 -6.09 -14.57 12.83
C PRO A 157 -6.84 -15.75 13.45
N ASN A 158 -8.01 -15.48 14.00
CA ASN A 158 -8.94 -16.57 14.37
C ASN A 158 -9.57 -17.15 13.10
N ASN A 159 -10.13 -18.34 13.27
CA ASN A 159 -11.00 -19.03 12.27
C ASN A 159 -12.10 -18.09 11.79
N GLN A 160 -12.27 -18.01 10.48
CA GLN A 160 -13.46 -17.33 9.92
C GLN A 160 -14.07 -18.29 8.91
N SER A 161 -15.37 -18.53 8.98
CA SER A 161 -15.98 -19.64 8.19
C SER A 161 -15.69 -19.42 6.69
N TRP A 162 -15.87 -18.22 6.14
CA TRP A 162 -15.66 -17.99 4.69
C TRP A 162 -14.20 -18.23 4.32
N GLN A 163 -13.27 -17.74 5.14
CA GLN A 163 -11.84 -17.89 4.82
C GLN A 163 -11.50 -19.38 4.80
N SER A 164 -12.12 -20.16 5.67
CA SER A 164 -11.87 -21.63 5.74
C SER A 164 -12.48 -22.32 4.53
N VAL A 165 -13.63 -21.87 4.06
CA VAL A 165 -14.25 -22.41 2.81
C VAL A 165 -13.32 -22.18 1.63
N ILE A 166 -12.85 -20.94 1.50
CA ILE A 166 -11.98 -20.54 0.38
C ILE A 166 -10.66 -21.33 0.48
N GLY A 167 -10.11 -21.52 1.67
CA GLY A 167 -8.86 -22.28 1.83
C GLY A 167 -9.02 -23.72 1.37
N GLU A 168 -10.11 -24.36 1.78
CA GLU A 168 -10.44 -25.74 1.35
C GLU A 168 -10.59 -25.77 -0.16
N GLY A 169 -11.22 -24.76 -0.74
CA GLY A 169 -11.41 -24.66 -2.18
C GLY A 169 -10.13 -24.48 -2.95
N PHE A 170 -9.23 -23.60 -2.50
CA PHE A 170 -7.91 -23.44 -3.16
C PHE A 170 -7.15 -24.78 -3.17
N LEU A 171 -7.17 -25.50 -2.07
CA LEU A 171 -6.48 -26.82 -1.89
C LEU A 171 -7.13 -27.80 -2.86
N GLU A 172 -8.45 -27.79 -2.90
CA GLU A 172 -9.19 -28.75 -3.76
C GLU A 172 -8.94 -28.39 -5.23
N ALA A 173 -8.72 -27.11 -5.52
CA ALA A 173 -8.46 -26.61 -6.89
C ALA A 173 -7.01 -26.80 -7.28
N GLY A 174 -6.19 -27.34 -6.38
CA GLY A 174 -4.82 -27.81 -6.66
C GLY A 174 -3.79 -26.74 -6.38
N ILE A 175 -4.14 -25.73 -5.56
CA ILE A 175 -3.15 -24.69 -5.13
C ILE A 175 -2.44 -25.26 -3.89
N LEU A 176 -1.42 -26.07 -4.14
CA LEU A 176 -0.72 -26.90 -3.15
C LEU A 176 0.71 -26.40 -3.01
N PRO A 177 1.36 -26.67 -1.86
CA PRO A 177 0.79 -27.46 -0.78
C PRO A 177 -0.05 -26.65 0.23
N ASP A 178 -0.58 -27.35 1.23
CA ASP A 178 -1.19 -26.75 2.43
C ASP A 178 -0.06 -26.22 3.30
N ASN A 179 0.10 -24.88 3.40
CA ASN A 179 1.17 -24.29 4.26
C ASN A 179 0.68 -23.99 5.68
N GLY A 180 -0.53 -24.35 6.04
CA GLY A 180 -1.10 -24.05 7.38
C GLY A 180 -1.01 -22.56 7.65
N PHE A 181 -0.60 -22.18 8.85
CA PHE A 181 -0.42 -20.75 9.22
C PHE A 181 1.04 -20.38 9.02
N SER A 182 1.29 -19.38 8.17
CA SER A 182 2.65 -18.96 7.79
C SER A 182 2.58 -17.51 7.29
N LEU A 183 3.56 -16.70 7.67
CA LEU A 183 3.66 -15.27 7.25
C LEU A 183 4.32 -15.23 5.86
N ASP A 184 4.88 -16.33 5.41
CA ASP A 184 5.76 -16.34 4.21
C ASP A 184 4.97 -16.44 2.91
N HIS A 185 5.38 -15.64 1.92
CA HIS A 185 4.90 -15.73 0.52
C HIS A 185 5.56 -16.94 -0.14
N GLU A 186 4.81 -18.05 -0.24
CA GLU A 186 5.27 -19.35 -0.78
C GLU A 186 4.11 -19.92 -1.62
N ALA A 187 4.44 -20.64 -2.67
CA ALA A 187 3.44 -21.37 -3.46
C ALA A 187 2.60 -22.23 -2.50
N GLY A 188 1.30 -22.22 -2.74
CA GLY A 188 0.31 -23.03 -2.01
C GLY A 188 -0.67 -22.18 -1.21
N THR A 189 -1.42 -22.82 -0.33
CA THR A 189 -2.57 -22.22 0.41
C THR A 189 -2.17 -22.09 1.85
N ARG A 190 -2.49 -20.94 2.45
CA ARG A 190 -2.11 -20.69 3.84
C ARG A 190 -3.06 -19.69 4.46
N LEU A 191 -3.07 -19.70 5.79
CA LEU A 191 -3.56 -18.63 6.66
C LEU A 191 -2.35 -17.71 6.87
N THR A 192 -2.46 -16.42 6.58
CA THR A 192 -1.33 -15.49 6.79
C THR A 192 -1.66 -14.62 8.01
N GLY A 193 -0.81 -13.68 8.39
CA GLY A 193 -1.11 -12.73 9.48
C GLY A 193 -2.09 -11.64 9.05
N SER A 194 -2.55 -10.86 10.00
CA SER A 194 -3.39 -9.67 9.77
C SER A 194 -2.93 -8.58 10.71
N THR A 195 -3.12 -7.35 10.28
CA THR A 195 -2.96 -6.18 11.15
C THR A 195 -4.30 -5.77 11.76
N PHE A 196 -5.40 -6.50 11.54
CA PHE A 196 -6.62 -6.45 12.39
C PHE A 196 -6.47 -7.50 13.47
N ASP A 197 -6.69 -7.16 14.74
CA ASP A 197 -6.51 -8.18 15.79
C ASP A 197 -7.75 -9.08 15.88
N ASN A 198 -7.77 -9.99 16.84
CA ASN A 198 -8.86 -11.01 16.91
C ASN A 198 -10.15 -10.39 17.48
N ASN A 199 -10.12 -9.14 17.94
CA ASN A 199 -11.32 -8.38 18.34
C ASN A 199 -11.75 -7.40 17.23
N GLY A 200 -11.06 -7.40 16.09
CA GLY A 200 -11.40 -6.53 14.96
C GLY A 200 -10.73 -5.16 15.03
N THR A 201 -9.90 -4.91 16.04
CA THR A 201 -9.19 -3.60 16.19
C THR A 201 -8.10 -3.51 15.12
N ARG A 202 -8.12 -2.43 14.35
CA ARG A 202 -6.99 -2.18 13.40
C ARG A 202 -5.74 -1.72 14.15
N HIS A 203 -4.62 -2.35 13.83
CA HIS A 203 -3.25 -1.94 14.21
C HIS A 203 -2.53 -1.49 12.95
N ALA A 204 -1.63 -0.52 13.09
CA ALA A 204 -1.12 0.18 11.90
C ALA A 204 0.25 0.77 12.16
N ALA A 205 0.84 1.37 11.11
CA ALA A 205 2.18 1.94 11.12
C ALA A 205 2.31 3.08 12.13
N ASP A 206 1.23 3.82 12.36
CA ASP A 206 1.25 4.91 13.36
C ASP A 206 1.64 4.32 14.72
N GLU A 207 1.23 3.09 15.04
CA GLU A 207 1.61 2.50 16.35
C GLU A 207 3.11 2.30 16.47
N LEU A 208 3.84 2.23 15.36
CA LEU A 208 5.29 2.05 15.40
C LEU A 208 5.97 3.34 15.89
N LEU A 209 5.26 4.49 15.87
CA LEU A 209 5.79 5.75 16.47
C LEU A 209 5.96 5.55 17.97
N ASN A 210 5.22 4.59 18.59
CA ASN A 210 5.35 4.32 20.05
C ASN A 210 6.72 3.74 20.35
N LYS A 211 7.43 3.20 19.34
CA LYS A 211 8.80 2.66 19.50
C LYS A 211 9.84 3.78 19.34
N GLY A 212 9.41 5.00 19.01
CA GLY A 212 10.31 6.14 18.90
C GLY A 212 10.70 6.68 20.27
N ASP A 213 11.78 7.45 20.35
CA ASP A 213 12.20 8.15 21.59
C ASP A 213 11.37 9.42 21.69
N PRO A 214 10.49 9.59 22.70
CA PRO A 214 9.62 10.75 22.75
C PRO A 214 10.35 12.07 23.03
N ASN A 215 11.64 12.02 23.38
CA ASN A 215 12.50 13.23 23.55
C ASN A 215 13.11 13.64 22.22
N ASN A 216 13.08 12.77 21.21
CA ASN A 216 13.78 13.05 19.94
C ASN A 216 12.81 13.20 18.76
N LEU A 217 11.62 12.64 18.85
CA LEU A 217 10.69 12.53 17.70
C LEU A 217 9.61 13.59 17.84
N LEU A 218 9.40 14.39 16.80
CA LEU A 218 8.25 15.32 16.70
C LEU A 218 7.52 15.01 15.40
N VAL A 219 6.21 15.00 15.47
CA VAL A 219 5.33 14.75 14.28
C VAL A 219 4.45 15.98 14.10
N ALA A 220 4.42 16.52 12.90
CA ALA A 220 3.45 17.55 12.53
C ALA A 220 2.41 16.94 11.61
N VAL A 221 1.14 17.12 11.96
CA VAL A 221 -0.01 16.67 11.13
C VAL A 221 -0.67 17.84 10.42
N GLN A 222 -1.43 17.53 9.38
CA GLN A 222 -1.91 18.58 8.42
C GLN A 222 -0.71 19.45 8.08
N ALA A 223 0.38 18.80 7.70
CA ALA A 223 1.63 19.38 7.18
C ALA A 223 1.75 18.99 5.71
N SER A 224 1.39 19.88 4.77
CA SER A 224 1.45 19.57 3.33
C SER A 224 2.82 20.01 2.82
N VAL A 225 3.72 19.06 2.60
CA VAL A 225 5.11 19.36 2.16
C VAL A 225 5.10 19.69 0.67
N GLU A 226 5.46 20.92 0.32
CA GLU A 226 5.30 21.49 -1.04
C GLU A 226 6.60 21.46 -1.83
N LYS A 227 7.74 21.58 -1.15
CA LYS A 227 9.03 21.68 -1.88
C LYS A 227 10.14 21.13 -1.00
N ILE A 228 11.04 20.36 -1.59
CA ILE A 228 12.37 20.06 -0.99
C ILE A 228 13.31 21.24 -1.34
N LEU A 229 13.93 21.82 -0.32
CA LEU A 229 14.92 22.93 -0.43
C LEU A 229 16.32 22.34 -0.57
N PHE A 230 17.13 22.90 -1.48
CA PHE A 230 18.50 22.44 -1.79
C PHE A 230 19.53 23.56 -1.53
N SER A 231 20.78 23.13 -1.30
CA SER A 231 22.01 23.97 -1.20
C SER A 231 22.18 24.86 -2.43
N LEU A 237 25.71 19.48 -4.45
CA LEU A 237 24.23 19.63 -4.38
C LEU A 237 23.68 18.72 -3.28
N SER A 238 23.01 19.32 -2.30
CA SER A 238 22.51 18.68 -1.06
C SER A 238 21.07 19.12 -0.79
N ALA A 239 20.21 18.20 -0.35
CA ALA A 239 18.92 18.58 0.23
C ALA A 239 19.23 19.21 1.59
N ILE A 240 18.57 20.31 1.88
CA ILE A 240 18.75 21.03 3.17
C ILE A 240 17.48 21.11 3.97
N GLY A 241 16.30 20.87 3.38
CA GLY A 241 15.08 21.20 4.11
C GLY A 241 13.88 21.08 3.22
N VAL A 242 12.77 21.58 3.74
CA VAL A 242 11.44 21.52 3.08
C VAL A 242 10.66 22.80 3.39
N ILE A 243 9.74 23.13 2.51
CA ILE A 243 8.62 24.08 2.80
C ILE A 243 7.37 23.24 2.96
N TYR A 244 6.59 23.53 3.98
CA TYR A 244 5.27 22.90 4.18
C TYR A 244 4.25 23.94 4.58
N THR A 245 3.01 23.68 4.22
CA THR A 245 1.90 24.59 4.57
C THR A 245 0.99 23.85 5.52
N ASP A 246 0.30 24.62 6.35
CA ASP A 246 -0.59 24.10 7.40
C ASP A 246 -2.04 24.18 6.92
N SER A 247 -2.99 23.81 7.78
CA SER A 247 -4.42 23.68 7.42
C SER A 247 -5.04 25.07 7.18
N ASP A 248 -4.38 26.12 7.66
CA ASP A 248 -4.84 27.52 7.49
C ASP A 248 -4.26 28.07 6.21
N GLY A 249 -3.33 27.36 5.58
CA GLY A 249 -2.65 27.79 4.34
C GLY A 249 -1.31 28.52 4.58
N ASN A 250 -0.90 28.75 5.82
CA ASN A 250 0.40 29.43 6.07
C ASN A 250 1.57 28.48 5.82
N SER A 251 2.71 29.07 5.48
CA SER A 251 3.96 28.41 5.10
C SER A 251 4.87 28.32 6.30
N HIS A 252 5.72 27.31 6.26
CA HIS A 252 6.64 26.92 7.35
C HIS A 252 7.86 26.29 6.72
N GLN A 253 9.03 26.49 7.36
CA GLN A 253 10.24 25.85 6.83
C GLN A 253 10.85 25.00 7.94
N ALA A 254 11.45 23.89 7.54
CA ALA A 254 12.34 23.10 8.44
C ALA A 254 13.56 22.61 7.68
N PHE A 255 14.70 22.48 8.37
CA PHE A 255 15.98 22.13 7.75
C PHE A 255 16.60 20.91 8.44
N VAL A 256 17.47 20.23 7.72
CA VAL A 256 18.42 19.26 8.34
C VAL A 256 19.77 19.93 8.58
N ARG A 257 20.52 19.36 9.52
CA ARG A 257 21.81 19.95 9.99
C ARG A 257 22.92 18.90 9.88
N GLY A 258 24.17 19.33 9.79
CA GLY A 258 25.34 18.43 9.77
C GLY A 258 25.19 17.30 8.80
N ASN A 259 25.24 16.07 9.32
CA ASN A 259 25.34 14.89 8.42
C ASN A 259 23.93 14.32 8.29
N GLY A 260 22.92 15.12 8.63
CA GLY A 260 21.50 14.75 8.57
C GLY A 260 20.94 14.63 7.14
N GLU A 261 19.71 14.11 7.02
CA GLU A 261 19.13 13.83 5.67
C GLU A 261 17.63 14.03 5.70
N VAL A 262 17.13 14.32 4.51
CA VAL A 262 15.68 14.40 4.19
C VAL A 262 15.35 13.08 3.53
N ILE A 263 14.31 12.42 4.03
CA ILE A 263 13.78 11.23 3.35
C ILE A 263 12.34 11.46 2.90
N VAL A 264 12.07 11.11 1.64
CA VAL A 264 10.73 11.19 1.04
C VAL A 264 10.04 9.83 1.19
N SER A 265 8.92 9.77 1.89
CA SER A 265 8.13 8.55 2.17
C SER A 265 6.67 8.85 1.84
N ALA A 266 6.47 9.59 0.75
CA ALA A 266 5.14 10.17 0.39
C ALA A 266 4.33 9.22 -0.50
N GLY A 267 4.83 8.01 -0.78
CA GLY A 267 4.13 6.96 -1.54
C GLY A 267 4.40 7.03 -3.02
N THR A 268 3.94 6.00 -3.74
CA THR A 268 4.01 5.88 -5.21
C THR A 268 3.57 7.21 -5.85
N ILE A 269 2.51 7.81 -5.35
CA ILE A 269 2.03 9.06 -5.99
C ILE A 269 2.76 10.29 -5.42
N GLY A 270 2.86 10.42 -4.08
CA GLY A 270 3.32 11.67 -3.47
C GLY A 270 4.81 11.87 -3.65
N THR A 271 5.61 10.79 -3.71
CA THR A 271 7.08 10.96 -3.77
C THR A 271 7.48 11.51 -5.15
N PRO A 272 7.10 10.88 -6.29
CA PRO A 272 7.44 11.45 -7.59
C PRO A 272 6.87 12.86 -7.70
N GLN A 273 5.64 13.10 -7.23
CA GLN A 273 5.02 14.44 -7.34
C GLN A 273 5.95 15.48 -6.70
N LEU A 274 6.43 15.21 -5.49
CA LEU A 274 7.21 16.21 -4.72
C LEU A 274 8.57 16.37 -5.40
N LEU A 275 9.17 15.28 -5.86
CA LEU A 275 10.47 15.38 -6.53
C LEU A 275 10.29 16.32 -7.72
N LEU A 276 9.26 16.05 -8.54
CA LEU A 276 9.05 16.89 -9.75
C LEU A 276 8.87 18.36 -9.37
N LEU A 277 8.00 18.64 -8.42
CA LEU A 277 7.72 20.01 -7.92
C LEU A 277 9.03 20.65 -7.46
N SER A 278 9.98 19.85 -6.97
CA SER A 278 11.27 20.34 -6.42
C SER A 278 12.37 20.42 -7.46
N GLY A 279 12.08 20.14 -8.75
CA GLY A 279 13.06 20.27 -9.84
C GLY A 279 13.95 19.05 -9.96
N VAL A 280 13.51 17.89 -9.43
CA VAL A 280 14.25 16.61 -9.62
C VAL A 280 13.40 15.76 -10.55
N GLY A 281 13.88 15.55 -11.76
CA GLY A 281 13.04 14.89 -12.77
C GLY A 281 13.54 15.15 -14.18
N PRO A 282 12.79 14.69 -15.19
CA PRO A 282 13.25 14.70 -16.59
C PRO A 282 13.41 16.16 -17.07
N GLU A 283 14.56 16.49 -17.67
CA GLU A 283 14.97 17.88 -17.96
C GLU A 283 14.00 18.51 -18.97
N SER A 284 13.69 17.84 -20.08
CA SER A 284 12.79 18.39 -21.12
C SER A 284 11.39 18.59 -20.52
N TYR A 285 10.91 17.64 -19.71
CA TYR A 285 9.56 17.73 -19.09
C TYR A 285 9.52 18.93 -18.14
N LEU A 286 10.48 19.02 -17.22
CA LEU A 286 10.45 20.11 -16.22
C LEU A 286 10.64 21.46 -16.92
N SER A 287 11.58 21.55 -17.86
CA SER A 287 11.80 22.79 -18.65
C SER A 287 10.52 23.19 -19.37
N SER A 288 9.79 22.23 -19.91
CA SER A 288 8.48 22.45 -20.61
C SER A 288 7.49 23.13 -19.64
N LEU A 289 7.59 22.90 -18.33
CA LEU A 289 6.72 23.50 -17.32
C LEU A 289 7.34 24.75 -16.66
N ASN A 290 8.56 25.16 -17.03
CA ASN A 290 9.31 26.30 -16.44
C ASN A 290 9.55 26.03 -14.97
N ILE A 291 9.80 24.76 -14.63
CA ILE A 291 10.31 24.38 -13.30
C ILE A 291 11.82 24.32 -13.42
N THR A 292 12.53 25.10 -12.61
CA THR A 292 14.00 25.11 -12.65
C THR A 292 14.48 23.71 -12.27
N VAL A 293 15.31 23.13 -13.11
CA VAL A 293 15.88 21.78 -12.90
C VAL A 293 17.01 21.87 -11.89
N VAL A 294 16.85 21.23 -10.74
CA VAL A 294 17.87 21.11 -9.67
C VAL A 294 18.73 19.89 -9.99
N GLN A 295 18.12 18.77 -10.40
CA GLN A 295 18.81 17.51 -10.74
C GLN A 295 18.09 16.78 -11.87
N PRO A 296 18.66 16.72 -13.09
CA PRO A 296 18.04 16.00 -14.18
C PRO A 296 18.05 14.49 -13.95
N ASN A 297 16.89 13.86 -14.06
CA ASN A 297 16.76 12.40 -13.98
C ASN A 297 15.56 12.01 -14.81
N PRO A 298 15.75 11.25 -15.90
CA PRO A 298 14.67 10.99 -16.85
C PRO A 298 13.63 10.01 -16.30
N TYR A 299 13.81 9.49 -15.08
CA TYR A 299 13.00 8.37 -14.56
C TYR A 299 12.07 8.78 -13.42
N VAL A 300 12.11 10.03 -12.96
CA VAL A 300 11.21 10.42 -11.84
C VAL A 300 9.79 10.47 -12.38
N GLY A 301 8.89 9.72 -11.78
CA GLY A 301 7.51 9.54 -12.24
C GLY A 301 7.39 8.53 -13.37
N GLN A 302 8.47 7.85 -13.74
CA GLN A 302 8.42 6.76 -14.74
C GLN A 302 8.42 5.41 -14.03
N PHE A 303 8.08 4.35 -14.74
CA PHE A 303 7.97 2.97 -14.21
C PHE A 303 7.02 2.97 -13.01
N VAL A 304 5.77 3.36 -13.28
CA VAL A 304 4.70 3.38 -12.26
C VAL A 304 3.75 2.23 -12.55
N TYR A 305 3.50 1.35 -11.58
CA TYR A 305 2.89 0.01 -11.82
C TYR A 305 1.63 -0.13 -10.97
N ASP A 306 0.59 -0.75 -11.52
CA ASP A 306 -0.54 -1.17 -10.68
C ASP A 306 -0.92 -2.61 -11.00
N ASN A 307 -0.69 -3.52 -10.06
CA ASN A 307 -1.03 -4.95 -10.29
C ASN A 307 -2.52 -5.03 -10.52
N PRO A 308 -2.96 -5.67 -11.63
CA PRO A 308 -4.40 -5.87 -11.87
C PRO A 308 -5.11 -6.72 -10.81
N ARG A 309 -6.32 -6.30 -10.47
CA ARG A 309 -7.31 -7.12 -9.74
C ARG A 309 -8.38 -7.54 -10.74
N ASN A 310 -8.61 -8.84 -10.85
CA ASN A 310 -9.78 -9.36 -11.59
C ASN A 310 -10.57 -10.22 -10.62
N PHE A 311 -11.88 -10.36 -10.86
CA PHE A 311 -12.77 -10.84 -9.78
C PHE A 311 -14.09 -11.34 -10.36
N ILE A 312 -14.73 -12.24 -9.64
CA ILE A 312 -16.20 -12.43 -9.75
C ILE A 312 -16.83 -12.22 -8.39
N ASN A 313 -18.16 -12.03 -8.34
CA ASN A 313 -18.91 -11.84 -7.08
C ASN A 313 -19.99 -12.92 -7.08
N ILE A 314 -20.04 -13.76 -6.06
CA ILE A 314 -21.19 -14.72 -5.95
C ILE A 314 -22.11 -14.30 -4.83
N LEU A 315 -23.41 -14.53 -5.05
CA LEU A 315 -24.51 -14.25 -4.12
C LEU A 315 -25.12 -15.56 -3.67
N PRO A 316 -24.65 -16.14 -2.54
CA PRO A 316 -25.18 -17.41 -2.05
C PRO A 316 -26.64 -17.24 -1.68
N PRO A 317 -27.41 -18.34 -1.78
CA PRO A 317 -28.84 -18.26 -1.46
C PRO A 317 -29.09 -18.17 0.05
N ASN A 318 -28.14 -18.57 0.89
CA ASN A 318 -28.23 -18.39 2.37
C ASN A 318 -27.15 -17.40 2.78
N PRO A 319 -27.37 -16.62 3.85
CA PRO A 319 -26.38 -15.64 4.30
C PRO A 319 -25.02 -16.27 4.59
N ILE A 320 -23.93 -15.58 4.20
CA ILE A 320 -22.55 -15.90 4.63
C ILE A 320 -22.05 -14.84 5.62
N GLU A 321 -21.19 -15.25 6.54
CA GLU A 321 -20.62 -14.36 7.57
C GLU A 321 -19.56 -13.50 6.87
N ALA A 322 -19.59 -12.19 7.09
CA ALA A 322 -18.55 -11.27 6.57
C ALA A 322 -17.20 -11.68 7.16
N SER A 323 -16.11 -11.49 6.41
CA SER A 323 -14.76 -11.88 6.84
C SER A 323 -13.76 -10.84 6.32
N VAL A 324 -12.64 -10.77 7.00
CA VAL A 324 -11.44 -10.08 6.48
C VAL A 324 -10.55 -11.15 5.81
N VAL A 325 -9.81 -10.73 4.81
CA VAL A 325 -8.97 -11.69 4.03
C VAL A 325 -7.81 -12.16 4.90
N THR A 326 -7.69 -13.49 5.09
CA THR A 326 -6.57 -14.10 5.84
C THR A 326 -6.03 -15.33 5.08
N VAL A 327 -6.76 -15.84 4.09
CA VAL A 327 -6.40 -17.16 3.46
C VAL A 327 -6.02 -16.86 2.00
N LEU A 328 -4.79 -17.20 1.67
CA LEU A 328 -4.14 -16.83 0.40
C LEU A 328 -3.86 -18.10 -0.41
N GLY A 329 -4.11 -18.02 -1.70
CA GLY A 329 -3.76 -19.06 -2.68
C GLY A 329 -2.71 -18.54 -3.63
N ILE A 330 -1.48 -19.03 -3.52
CA ILE A 330 -0.28 -18.46 -4.21
C ILE A 330 0.28 -19.44 -5.26
N ARG A 331 0.38 -18.93 -6.49
CA ARG A 331 1.25 -19.49 -7.55
C ARG A 331 2.18 -18.39 -8.01
N SER A 332 3.22 -18.74 -8.77
CA SER A 332 4.16 -17.73 -9.34
C SER A 332 3.43 -16.80 -10.30
N ASP A 333 2.33 -17.24 -10.93
CA ASP A 333 1.67 -16.44 -11.99
C ASP A 333 0.33 -15.84 -11.54
N TYR A 334 -0.08 -16.04 -10.29
CA TYR A 334 -1.32 -15.41 -9.76
C TYR A 334 -1.41 -15.63 -8.26
N TYR A 335 -1.95 -14.63 -7.57
CA TYR A 335 -2.15 -14.66 -6.12
C TYR A 335 -3.64 -14.39 -5.89
N GLN A 336 -4.31 -15.28 -5.19
CA GLN A 336 -5.79 -15.27 -5.09
C GLN A 336 -6.24 -15.23 -3.63
N VAL A 337 -7.34 -14.50 -3.39
CA VAL A 337 -8.00 -14.42 -2.06
C VAL A 337 -9.48 -14.25 -2.27
N SER A 338 -10.27 -14.30 -1.19
CA SER A 338 -11.70 -13.90 -1.28
C SER A 338 -12.10 -13.27 0.03
N ALA A 339 -12.90 -12.23 -0.06
CA ALA A 339 -13.58 -11.71 1.15
C ALA A 339 -15.08 -11.83 0.99
N SER A 340 -15.75 -11.99 2.11
CA SER A 340 -17.23 -12.03 2.19
C SER A 340 -17.68 -10.73 2.87
N SER A 341 -18.78 -10.17 2.42
CA SER A 341 -19.22 -8.80 2.75
C SER A 341 -20.73 -8.79 2.93
N LEU A 342 -21.19 -7.95 3.85
CA LEU A 342 -22.60 -7.48 3.87
C LEU A 342 -22.88 -6.72 2.58
N PRO A 343 -24.17 -6.60 2.20
CA PRO A 343 -24.53 -5.75 1.06
C PRO A 343 -24.36 -4.27 1.41
N PHE A 344 -24.55 -3.40 0.42
CA PHE A 344 -24.52 -1.94 0.67
C PHE A 344 -25.28 -1.25 -0.45
N SER A 345 -25.76 -0.03 -0.19
CA SER A 345 -26.48 0.79 -1.20
C SER A 345 -25.59 1.96 -1.62
N THR A 346 -24.50 2.24 -0.89
CA THR A 346 -23.46 3.21 -1.33
C THR A 346 -22.21 2.41 -1.67
N PRO A 347 -21.64 2.50 -2.89
CA PRO A 347 -20.48 1.66 -3.19
C PRO A 347 -19.24 2.18 -2.45
N PRO A 348 -18.38 1.27 -1.96
CA PRO A 348 -17.03 1.60 -1.51
C PRO A 348 -16.23 1.99 -2.74
N PHE A 349 -15.80 3.25 -2.82
CA PHE A 349 -15.11 3.76 -4.02
C PHE A 349 -13.89 2.89 -4.32
N SER A 350 -13.81 2.43 -5.57
CA SER A 350 -12.68 1.68 -6.20
C SER A 350 -12.76 0.18 -5.90
N LEU A 351 -13.63 -0.29 -5.02
CA LEU A 351 -13.88 -1.75 -4.93
C LEU A 351 -14.22 -2.26 -6.33
N PHE A 352 -15.20 -1.67 -6.99
CA PHE A 352 -15.45 -1.91 -8.44
C PHE A 352 -14.85 -0.74 -9.22
N PRO A 353 -14.43 -0.98 -10.47
CA PRO A 353 -13.58 -0.05 -11.20
C PRO A 353 -14.30 1.27 -11.53
N THR A 354 -15.64 1.29 -11.53
CA THR A 354 -16.44 2.52 -11.77
C THR A 354 -17.59 2.57 -10.79
N THR A 355 -18.14 3.78 -10.62
CA THR A 355 -19.30 4.08 -9.74
C THR A 355 -20.56 3.43 -10.34
N SER A 356 -20.54 3.12 -11.64
CA SER A 356 -21.70 2.56 -12.36
C SER A 356 -21.59 1.04 -12.36
N TYR A 357 -21.82 0.45 -11.21
CA TYR A 357 -21.64 -1.00 -11.00
C TYR A 357 -22.82 -1.46 -10.18
N PRO A 358 -23.42 -2.62 -10.50
CA PRO A 358 -24.59 -3.09 -9.77
C PRO A 358 -24.26 -3.22 -8.28
N LEU A 359 -25.16 -2.82 -7.40
CA LEU A 359 -24.94 -2.99 -5.95
C LEU A 359 -25.59 -4.27 -5.46
N PRO A 360 -24.91 -4.98 -4.55
CA PRO A 360 -25.47 -6.18 -3.95
C PRO A 360 -26.59 -5.87 -2.94
N ASN A 361 -27.68 -6.67 -2.98
CA ASN A 361 -28.83 -6.60 -2.05
C ASN A 361 -28.72 -7.66 -0.95
N SER A 362 -27.76 -8.58 -1.03
CA SER A 362 -27.59 -9.68 -0.05
C SER A 362 -26.10 -9.92 0.16
N THR A 363 -25.74 -10.79 1.11
CA THR A 363 -24.32 -11.05 1.44
C THR A 363 -23.66 -11.60 0.16
N PHE A 364 -22.41 -11.24 -0.10
CA PHE A 364 -21.72 -11.72 -1.32
C PHE A 364 -20.24 -12.05 -1.01
N ALA A 365 -19.67 -12.87 -1.86
CA ALA A 365 -18.24 -13.19 -1.85
C ALA A 365 -17.60 -12.54 -3.07
N HIS A 366 -16.58 -11.71 -2.80
CA HIS A 366 -15.67 -11.13 -3.78
C HIS A 366 -14.49 -12.10 -3.90
N ILE A 367 -14.32 -12.67 -5.08
CA ILE A 367 -13.31 -13.75 -5.32
C ILE A 367 -12.34 -13.16 -6.33
N VAL A 368 -11.08 -13.03 -5.95
CA VAL A 368 -10.15 -12.20 -6.73
C VAL A 368 -8.87 -12.95 -7.08
N SER A 369 -8.23 -12.43 -8.11
CA SER A 369 -6.90 -12.83 -8.61
C SER A 369 -6.07 -11.60 -8.94
N GLN A 370 -4.78 -11.68 -8.63
CA GLN A 370 -3.81 -10.57 -8.79
C GLN A 370 -2.80 -11.03 -9.80
N VAL A 371 -2.53 -10.21 -10.82
CA VAL A 371 -1.40 -10.44 -11.75
C VAL A 371 -0.12 -9.98 -11.09
N PRO A 372 0.92 -10.85 -11.04
CA PRO A 372 2.26 -10.48 -10.56
C PRO A 372 3.00 -9.55 -11.51
N GLY A 373 3.94 -8.82 -10.95
CA GLY A 373 4.73 -7.77 -11.60
C GLY A 373 4.13 -6.40 -11.29
N PRO A 374 3.23 -5.85 -12.12
CA PRO A 374 2.96 -6.38 -13.46
C PRO A 374 4.09 -5.93 -14.39
N LEU A 375 4.08 -6.38 -15.62
CA LEU A 375 5.07 -5.94 -16.62
C LEU A 375 4.65 -4.60 -17.29
N SER A 376 3.36 -4.31 -17.39
CA SER A 376 2.81 -3.05 -17.90
C SER A 376 3.11 -1.93 -16.91
N HIS A 377 3.53 -0.79 -17.41
CA HIS A 377 3.83 0.36 -16.55
C HIS A 377 3.35 1.62 -17.23
N GLY A 378 3.16 2.62 -16.39
CA GLY A 378 2.90 3.99 -16.84
C GLY A 378 3.71 4.97 -16.03
N SER A 379 3.07 6.09 -15.72
CA SER A 379 3.82 7.24 -15.16
C SER A 379 2.96 8.10 -14.26
N VAL A 380 3.62 8.95 -13.48
CA VAL A 380 2.98 10.05 -12.71
C VAL A 380 3.50 11.35 -13.32
N THR A 381 2.61 12.27 -13.67
CA THR A 381 2.98 13.63 -14.15
C THR A 381 2.20 14.65 -13.32
N LEU A 382 2.71 15.88 -13.28
CA LEU A 382 2.06 16.96 -12.53
C LEU A 382 0.79 17.43 -13.23
N ASN A 383 -0.20 17.76 -12.42
CA ASN A 383 -1.42 18.44 -12.91
C ASN A 383 -1.32 19.95 -12.62
N SER A 384 -0.58 20.30 -11.59
CA SER A 384 -0.23 21.67 -11.20
C SER A 384 1.28 21.71 -11.01
N SER A 385 1.96 22.71 -11.59
CA SER A 385 3.42 22.92 -11.40
C SER A 385 3.74 23.58 -10.06
N SER A 386 2.73 23.95 -9.26
CA SER A 386 2.93 24.70 -7.99
C SER A 386 2.27 24.01 -6.79
N ASP A 387 1.06 23.46 -6.90
CA ASP A 387 0.24 23.20 -5.67
C ASP A 387 0.25 21.69 -5.38
N VAL A 388 0.85 21.26 -4.27
CA VAL A 388 1.01 19.80 -3.94
C VAL A 388 -0.36 19.21 -3.59
N ARG A 389 -1.35 20.02 -3.24
CA ARG A 389 -2.69 19.50 -2.83
C ARG A 389 -3.50 19.10 -4.07
N ILE A 390 -3.05 19.52 -5.26
CA ILE A 390 -3.64 19.09 -6.57
C ILE A 390 -3.05 17.76 -6.98
N ALA A 391 -3.86 16.72 -7.09
CA ALA A 391 -3.36 15.34 -7.29
C ALA A 391 -2.66 15.31 -8.64
N PRO A 392 -1.57 14.54 -8.77
CA PRO A 392 -0.95 14.38 -10.06
C PRO A 392 -1.80 13.47 -10.96
N ASN A 393 -1.49 13.49 -12.24
CA ASN A 393 -2.04 12.54 -13.23
C ASN A 393 -1.33 11.23 -13.02
N ILE A 394 -2.05 10.12 -13.12
CA ILE A 394 -1.41 8.80 -13.04
C ILE A 394 -2.04 7.88 -14.09
N LYS A 395 -1.22 7.07 -14.72
CA LYS A 395 -1.64 6.12 -15.75
C LYS A 395 -0.83 4.85 -15.56
N PHE A 396 -1.51 3.71 -15.62
CA PHE A 396 -0.88 2.42 -15.34
C PHE A 396 -0.72 1.57 -16.60
N ASN A 397 -1.50 1.82 -17.66
CA ASN A 397 -1.48 1.07 -18.94
C ASN A 397 -1.77 -0.42 -18.69
N TYR A 398 -2.80 -0.73 -17.90
CA TYR A 398 -3.21 -2.13 -17.63
C TYR A 398 -3.23 -2.93 -18.93
N TYR A 399 -2.56 -4.08 -18.92
CA TYR A 399 -2.58 -5.14 -19.97
C TYR A 399 -1.99 -4.60 -21.28
N SER A 400 -1.14 -3.58 -21.25
CA SER A 400 -0.38 -3.13 -22.46
C SER A 400 0.67 -4.19 -22.80
N ASN A 401 1.19 -4.87 -21.79
CA ASN A 401 2.11 -6.02 -21.90
C ASN A 401 1.30 -7.32 -21.98
N SER A 402 1.49 -8.08 -23.06
CA SER A 402 0.69 -9.31 -23.29
C SER A 402 1.01 -10.42 -22.26
N THR A 403 2.15 -10.36 -21.57
CA THR A 403 2.47 -11.39 -20.55
C THR A 403 1.48 -11.23 -19.39
N ASP A 404 1.15 -9.98 -19.06
CA ASP A 404 0.16 -9.69 -18.00
C ASP A 404 -1.20 -10.27 -18.38
N LEU A 405 -1.58 -10.18 -19.66
CA LEU A 405 -2.92 -10.62 -20.09
C LEU A 405 -2.96 -12.15 -19.98
N ALA A 406 -1.90 -12.81 -20.43
CA ALA A 406 -1.72 -14.28 -20.34
C ALA A 406 -1.83 -14.73 -18.88
N ASN A 407 -1.20 -14.01 -17.95
CA ASN A 407 -1.22 -14.40 -16.52
C ASN A 407 -2.62 -14.24 -15.94
N CYS A 408 -3.38 -13.22 -16.33
CA CYS A 408 -4.81 -13.03 -15.94
C CYS A 408 -5.63 -14.18 -16.50
N VAL A 409 -5.38 -14.60 -17.75
CA VAL A 409 -6.13 -15.77 -18.29
C VAL A 409 -5.93 -16.95 -17.35
N SER A 410 -4.68 -17.27 -16.98
CA SER A 410 -4.37 -18.42 -16.11
C SER A 410 -5.10 -18.23 -14.78
N GLY A 411 -5.05 -17.02 -14.21
CA GLY A 411 -5.71 -16.78 -12.92
C GLY A 411 -7.22 -16.96 -13.02
N MET A 412 -7.83 -16.50 -14.10
CA MET A 412 -9.29 -16.60 -14.28
C MET A 412 -9.70 -18.07 -14.46
N LYS A 413 -8.88 -18.91 -15.11
CA LYS A 413 -9.25 -20.35 -15.24
C LYS A 413 -9.19 -21.02 -13.89
N LYS A 414 -8.21 -20.66 -13.09
CA LYS A 414 -8.08 -21.18 -11.71
C LYS A 414 -9.26 -20.74 -10.86
N LEU A 415 -9.75 -19.52 -11.04
CA LEU A 415 -10.96 -19.09 -10.29
C LEU A 415 -12.13 -19.97 -10.77
N GLY A 416 -12.18 -20.33 -12.06
CA GLY A 416 -13.19 -21.30 -12.56
C GLY A 416 -13.06 -22.64 -11.83
N ASP A 417 -11.83 -23.13 -11.68
CA ASP A 417 -11.57 -24.39 -10.92
C ASP A 417 -12.10 -24.21 -9.50
N LEU A 418 -11.85 -23.06 -8.87
CA LEU A 418 -12.28 -22.84 -7.48
C LEU A 418 -13.82 -22.90 -7.41
N LEU A 419 -14.49 -22.30 -8.38
CA LEU A 419 -15.97 -22.24 -8.37
C LEU A 419 -16.53 -23.66 -8.55
N ARG A 420 -15.74 -24.58 -9.13
CA ARG A 420 -16.18 -25.98 -9.37
C ARG A 420 -15.92 -26.90 -8.17
N THR A 421 -15.29 -26.44 -7.10
CA THR A 421 -14.89 -27.30 -5.96
C THR A 421 -16.12 -27.70 -5.15
N LYS A 422 -16.06 -28.85 -4.48
CA LYS A 422 -17.04 -29.27 -3.45
C LYS A 422 -17.12 -28.26 -2.31
N ALA A 423 -16.00 -27.63 -1.95
CA ALA A 423 -15.95 -26.55 -0.96
C ALA A 423 -16.98 -25.47 -1.28
N LEU A 424 -17.07 -25.00 -2.52
CA LEU A 424 -17.94 -23.84 -2.89
C LEU A 424 -19.34 -24.32 -3.32
N GLU A 425 -19.50 -25.61 -3.61
CA GLU A 425 -20.79 -26.16 -4.12
C GLU A 425 -21.98 -25.69 -3.25
N PRO A 426 -21.91 -25.69 -1.90
CA PRO A 426 -23.04 -25.28 -1.06
C PRO A 426 -23.49 -23.82 -1.18
N TYR A 427 -22.72 -23.01 -1.93
CA TYR A 427 -22.99 -21.56 -2.10
C TYR A 427 -23.61 -21.30 -3.48
N LYS A 428 -23.95 -22.36 -4.21
CA LYS A 428 -24.73 -22.27 -5.47
C LYS A 428 -26.21 -22.06 -5.18
N ALA A 429 -26.87 -21.29 -6.04
CA ALA A 429 -28.31 -21.00 -6.00
C ALA A 429 -29.10 -22.19 -6.55
N ARG A 430 -28.53 -22.86 -7.55
CA ARG A 430 -29.15 -24.04 -8.22
C ARG A 430 -28.18 -25.21 -8.19
N ASP A 431 -28.66 -26.39 -7.88
CA ASP A 431 -27.86 -27.63 -7.76
C ASP A 431 -27.73 -28.22 -9.16
N VAL A 432 -27.19 -27.47 -10.10
CA VAL A 432 -26.84 -27.92 -11.46
C VAL A 432 -25.34 -28.24 -11.55
N LEU A 433 -24.91 -28.82 -12.64
CA LEU A 433 -23.52 -29.35 -12.66
C LEU A 433 -22.54 -28.19 -12.80
N GLY A 434 -22.96 -27.13 -13.51
CA GLY A 434 -22.10 -26.02 -13.96
C GLY A 434 -22.00 -24.87 -12.97
N ILE A 435 -21.03 -23.97 -13.19
CA ILE A 435 -20.86 -22.77 -12.32
C ILE A 435 -21.96 -21.74 -12.64
N ASP A 436 -22.79 -21.93 -13.67
CA ASP A 436 -24.03 -21.12 -13.88
C ASP A 436 -25.03 -21.41 -12.75
N GLY A 437 -24.79 -22.41 -11.91
CA GLY A 437 -25.53 -22.66 -10.66
C GLY A 437 -25.36 -21.56 -9.61
N PHE A 438 -24.31 -20.75 -9.72
CA PHE A 438 -24.08 -19.60 -8.84
C PHE A 438 -24.92 -18.44 -9.37
N ASN A 439 -25.39 -17.60 -8.46
CA ASN A 439 -25.90 -16.25 -8.84
C ASN A 439 -24.71 -15.28 -8.72
N TYR A 440 -24.49 -14.49 -9.73
CA TYR A 440 -23.37 -13.51 -9.82
C TYR A 440 -23.89 -12.09 -9.68
N LEU A 441 -23.10 -11.29 -8.97
CA LEU A 441 -23.16 -9.82 -9.04
C LEU A 441 -22.14 -9.35 -10.07
N GLY A 442 -22.59 -8.66 -11.14
CA GLY A 442 -21.75 -8.20 -12.25
C GLY A 442 -21.46 -9.32 -13.22
N VAL A 443 -20.30 -9.30 -13.86
CA VAL A 443 -19.99 -10.17 -15.04
C VAL A 443 -19.49 -11.52 -14.52
N PRO A 444 -20.15 -12.65 -14.86
CA PRO A 444 -19.63 -13.98 -14.52
C PRO A 444 -18.44 -14.37 -15.41
N LEU A 445 -17.64 -15.38 -15.02
CA LEU A 445 -16.56 -15.92 -15.90
C LEU A 445 -17.23 -16.41 -17.16
N PRO A 446 -16.58 -16.30 -18.34
CA PRO A 446 -17.13 -16.89 -19.56
C PRO A 446 -16.88 -18.40 -19.55
N ASP A 451 -11.44 -21.65 -25.19
CA ASP A 451 -11.44 -20.31 -25.86
C ASP A 451 -10.69 -19.29 -24.98
N ASP A 452 -9.43 -18.99 -25.32
CA ASP A 452 -8.59 -18.00 -24.56
C ASP A 452 -9.17 -16.58 -24.76
N ALA A 453 -9.75 -16.27 -25.92
CA ALA A 453 -10.28 -14.94 -26.33
C ALA A 453 -11.36 -14.42 -25.36
N SER A 454 -12.23 -15.28 -24.85
CA SER A 454 -13.34 -14.85 -23.96
C SER A 454 -12.75 -14.41 -22.62
N PHE A 455 -11.78 -15.20 -22.11
CA PHE A 455 -10.99 -14.91 -20.87
C PHE A 455 -10.18 -13.63 -21.07
N GLU A 456 -9.58 -13.43 -22.25
CA GLU A 456 -8.85 -12.19 -22.58
C GLU A 456 -9.80 -10.99 -22.48
N THR A 457 -10.99 -11.08 -23.08
CA THR A 457 -11.99 -9.97 -23.07
C THR A 457 -12.40 -9.69 -21.63
N PHE A 458 -12.72 -10.74 -20.87
CA PHE A 458 -13.12 -10.66 -19.45
C PHE A 458 -12.03 -9.94 -18.64
N CYS A 459 -10.76 -10.37 -18.77
CA CYS A 459 -9.59 -9.71 -18.12
C CYS A 459 -9.52 -8.22 -18.45
N LEU A 460 -9.59 -7.85 -19.73
CA LEU A 460 -9.45 -6.44 -20.15
C LEU A 460 -10.65 -5.61 -19.70
N ASP A 461 -11.86 -6.16 -19.77
CA ASP A 461 -13.07 -5.33 -19.63
C ASP A 461 -13.37 -5.10 -18.14
N ASN A 462 -12.94 -6.01 -17.27
CA ASN A 462 -13.45 -6.00 -15.89
C ASN A 462 -12.30 -5.78 -14.91
N VAL A 463 -11.17 -5.29 -15.39
CA VAL A 463 -10.00 -5.05 -14.50
C VAL A 463 -10.34 -3.95 -13.50
N ALA A 464 -9.80 -4.09 -12.29
CA ALA A 464 -9.86 -3.13 -11.17
C ALA A 464 -8.44 -3.00 -10.61
N SER A 465 -8.23 -2.01 -9.74
CA SER A 465 -6.94 -1.88 -9.04
C SER A 465 -6.87 -2.88 -7.91
N TYR A 466 -5.71 -3.55 -7.77
CA TYR A 466 -5.46 -4.33 -6.54
C TYR A 466 -5.11 -3.40 -5.37
N TRP A 467 -4.85 -2.12 -5.64
CA TRP A 467 -4.45 -1.11 -4.65
C TRP A 467 -2.98 -1.26 -4.27
N HIS A 468 -2.25 -2.16 -4.91
CA HIS A 468 -0.85 -2.44 -4.54
C HIS A 468 0.12 -1.75 -5.50
N TYR A 469 -0.21 -0.54 -5.93
CA TYR A 469 0.61 0.17 -6.90
C TYR A 469 1.94 0.56 -6.27
N HIS A 470 2.93 0.63 -7.15
CA HIS A 470 4.32 0.87 -6.73
C HIS A 470 5.08 1.51 -7.89
N GLY A 471 6.22 2.06 -7.58
CA GLY A 471 7.15 2.59 -8.59
C GLY A 471 7.12 4.12 -8.70
N GLY A 472 7.89 4.64 -9.65
CA GLY A 472 7.96 6.09 -9.87
C GLY A 472 9.25 6.68 -9.35
N SER A 473 9.98 6.01 -8.45
CA SER A 473 11.27 6.47 -7.90
C SER A 473 12.16 5.26 -7.68
N LEU A 474 12.41 4.49 -8.76
CA LEU A 474 12.96 3.13 -8.60
C LEU A 474 14.41 3.15 -8.15
N VAL A 475 14.74 2.22 -7.27
CA VAL A 475 16.16 1.77 -7.08
C VAL A 475 16.67 1.35 -8.47
N GLY A 476 17.83 1.86 -8.90
CA GLY A 476 18.43 1.53 -10.20
C GLY A 476 18.05 2.53 -11.29
N LYS A 477 17.13 3.45 -11.00
CA LYS A 477 16.65 4.49 -11.96
C LYS A 477 16.83 5.85 -11.33
N VAL A 478 16.20 6.08 -10.18
CA VAL A 478 16.29 7.38 -9.42
C VAL A 478 17.24 7.18 -8.23
N LEU A 479 17.25 5.97 -7.65
CA LEU A 479 17.96 5.73 -6.37
C LEU A 479 19.09 4.72 -6.56
N ASP A 480 20.07 4.79 -5.68
CA ASP A 480 21.08 3.73 -5.57
C ASP A 480 20.54 2.66 -4.61
N ASP A 481 21.34 1.63 -4.39
CA ASP A 481 20.99 0.45 -3.56
C ASP A 481 20.87 0.82 -2.08
N SER A 482 21.23 2.04 -1.66
CA SER A 482 21.06 2.57 -0.27
C SER A 482 19.85 3.53 -0.22
N PHE A 483 19.09 3.64 -1.29
CA PHE A 483 17.82 4.42 -1.37
C PHE A 483 18.15 5.91 -1.45
N ARG A 484 19.39 6.24 -1.80
CA ARG A 484 19.80 7.66 -2.01
C ARG A 484 19.38 8.11 -3.41
N VAL A 485 18.86 9.33 -3.51
CA VAL A 485 18.59 9.95 -4.83
C VAL A 485 19.94 10.22 -5.49
N MET A 486 20.18 9.61 -6.64
CA MET A 486 21.48 9.70 -7.37
C MET A 486 21.77 11.17 -7.74
N GLY A 487 22.99 11.63 -7.38
CA GLY A 487 23.47 12.99 -7.67
C GLY A 487 23.13 14.00 -6.59
N ILE A 488 22.41 13.60 -5.54
CA ILE A 488 21.99 14.56 -4.47
C ILE A 488 22.45 13.95 -3.15
N LYS A 489 23.21 14.71 -2.37
CA LYS A 489 23.50 14.34 -0.96
C LYS A 489 22.30 14.66 -0.05
N ALA A 490 22.19 13.87 1.03
CA ALA A 490 21.27 14.06 2.16
C ALA A 490 19.81 13.98 1.70
N LEU A 491 19.53 13.18 0.67
CA LEU A 491 18.16 12.93 0.15
C LEU A 491 17.98 11.44 -0.14
N ARG A 492 16.97 10.86 0.50
CA ARG A 492 16.63 9.44 0.26
C ARG A 492 15.13 9.32 -0.04
N VAL A 493 14.74 8.18 -0.55
CA VAL A 493 13.30 7.84 -0.72
C VAL A 493 13.09 6.43 -0.18
N VAL A 494 12.09 6.28 0.67
CA VAL A 494 11.77 4.98 1.28
C VAL A 494 10.24 4.87 1.37
N ASP A 495 9.66 4.09 0.47
CA ASP A 495 8.21 3.83 0.37
C ASP A 495 8.01 2.93 -0.86
N ALA A 496 6.77 2.72 -1.27
CA ALA A 496 6.47 1.81 -2.39
C ALA A 496 6.81 2.41 -3.74
N SER A 497 7.31 3.65 -3.82
CA SER A 497 7.79 4.21 -5.12
C SER A 497 9.05 3.48 -5.59
N THR A 498 9.68 2.64 -4.75
CA THR A 498 11.11 2.26 -4.90
C THR A 498 11.31 0.98 -5.72
N PHE A 499 10.29 0.15 -5.91
CA PHE A 499 10.48 -1.18 -6.60
C PHE A 499 9.53 -1.34 -7.76
N PRO A 500 9.98 -1.98 -8.86
CA PRO A 500 9.15 -2.17 -10.04
C PRO A 500 8.33 -3.48 -10.06
N TYR A 501 8.50 -4.33 -9.07
CA TYR A 501 7.70 -5.57 -8.88
C TYR A 501 7.31 -5.67 -7.41
N GLU A 502 6.25 -6.42 -7.15
CA GLU A 502 5.80 -6.65 -5.77
C GLU A 502 6.85 -7.46 -5.05
N PRO A 503 6.96 -7.28 -3.71
CA PRO A 503 7.71 -8.20 -2.86
C PRO A 503 6.95 -9.49 -2.55
N ASN A 504 5.62 -9.48 -2.78
CA ASN A 504 4.70 -10.58 -2.42
C ASN A 504 3.29 -10.15 -2.82
N SER A 505 2.26 -10.93 -2.46
CA SER A 505 0.87 -10.63 -2.80
C SER A 505 0.36 -9.40 -2.06
N HIS A 506 0.93 -9.09 -0.88
CA HIS A 506 0.38 -8.10 0.09
C HIS A 506 1.58 -7.37 0.70
N PRO A 507 1.94 -6.19 0.16
CA PRO A 507 3.24 -5.61 0.43
C PRO A 507 3.40 -4.74 1.67
N GLN A 508 2.35 -4.50 2.43
CA GLN A 508 2.47 -3.61 3.61
C GLN A 508 3.57 -4.15 4.53
N GLY A 509 3.63 -5.47 4.72
CA GLY A 509 4.67 -6.07 5.57
C GLY A 509 6.08 -5.65 5.15
N PHE A 510 6.38 -5.77 3.85
CA PHE A 510 7.69 -5.40 3.29
C PHE A 510 7.94 -3.91 3.55
N TYR A 511 6.98 -3.02 3.29
CA TYR A 511 7.24 -1.56 3.37
C TYR A 511 7.29 -1.10 4.84
N LEU A 512 6.57 -1.74 5.78
CA LEU A 512 6.73 -1.52 7.23
C LEU A 512 8.16 -1.86 7.65
N MET A 513 8.64 -3.05 7.26
CA MET A 513 10.01 -3.52 7.53
C MET A 513 10.99 -2.50 6.91
N LEU A 514 10.70 -2.06 5.68
CA LEU A 514 11.72 -1.31 4.89
C LEU A 514 11.99 0.04 5.57
N GLY A 515 10.96 0.65 6.10
CA GLY A 515 11.19 1.93 6.75
C GLY A 515 12.21 1.76 7.89
N ARG A 516 12.04 0.75 8.75
CA ARG A 516 12.97 0.62 9.89
C ARG A 516 14.34 0.18 9.37
N TYR A 517 14.38 -0.75 8.44
CA TYR A 517 15.64 -1.31 7.87
C TYR A 517 16.49 -0.15 7.35
N VAL A 518 15.92 0.72 6.52
CA VAL A 518 16.71 1.81 5.92
C VAL A 518 17.11 2.76 7.05
N GLY A 519 16.24 3.04 8.03
CA GLY A 519 16.62 3.84 9.21
C GLY A 519 17.89 3.25 9.84
N LEU A 520 17.89 1.96 10.12
CA LEU A 520 19.09 1.25 10.66
C LEU A 520 20.31 1.39 9.77
N GLN A 521 20.17 1.24 8.45
CA GLN A 521 21.26 1.44 7.48
C GLN A 521 21.78 2.88 7.57
N ILE A 522 20.89 3.87 7.67
CA ILE A 522 21.33 5.29 7.85
C ILE A 522 22.15 5.41 9.14
N LEU A 523 21.64 4.93 10.25
CA LEU A 523 22.31 5.04 11.56
C LEU A 523 23.65 4.30 11.52
N GLN A 524 23.70 3.12 10.92
CA GLN A 524 25.00 2.40 10.76
C GLN A 524 25.98 3.20 9.88
N GLU A 525 25.52 3.70 8.72
CA GLU A 525 26.39 4.45 7.79
C GLU A 525 27.02 5.60 8.58
N ARG A 526 26.22 6.22 9.44
CA ARG A 526 26.65 7.41 10.20
C ARG A 526 27.54 7.06 11.40
N SER A 527 27.32 5.93 12.07
CA SER A 527 28.14 5.50 13.23
C SER A 527 29.62 5.36 12.83
N ILE A 528 29.90 5.27 11.52
CA ILE A 528 31.26 5.35 10.90
C ILE A 528 31.36 6.69 10.14
O1 FQ9 B . -16.10 -4.89 3.02
O1 FQ9 B . -15.40 -2.68 0.55
C2 FQ9 B . -15.93 -4.47 1.92
C2 FQ9 B . -15.88 -3.72 0.67
C3 FQ9 B . -15.17 -5.50 1.12
C3 FQ9 B . -15.04 -4.92 0.17
C4 FQ9 B . -13.94 -5.35 0.70
C4 FQ9 B . -13.76 -4.83 -0.06
C5 FQ9 B . -13.23 -6.50 -0.06
C5 FQ9 B . -12.89 -6.03 -0.54
C6 FQ9 B . -11.97 -6.44 -0.57
C6 FQ9 B . -11.53 -6.05 -0.82
O7 FQ9 B . -11.48 -7.29 -1.48
O7 FQ9 B . -10.86 -7.09 -1.36
C8 FQ9 B . -11.81 -8.63 -0.96
C8 FQ9 B . -11.35 -8.29 -0.72
C9 FQ9 B . -11.39 -9.71 -1.83
C9 FQ9 B . -10.73 -9.51 -1.23
O10 FQ9 B . -13.32 -8.73 -0.84
O10 FQ9 B . -12.82 -8.29 -1.07
C11 FQ9 B . -13.87 -7.55 -0.20
C11 FQ9 B . -13.51 -7.05 -0.66
C12 FQ9 B . -15.30 -7.73 0.34
C12 FQ9 B . -15.01 -7.15 -0.40
C13 FQ9 B . -15.87 -6.76 0.93
C13 FQ9 B . -15.73 -6.17 0.02
PA FAD C . 1.51 5.40 2.30
O1A FAD C . 1.33 4.42 3.41
O2A FAD C . 0.28 5.87 1.59
O5B FAD C . 2.30 6.63 2.90
C5B FAD C . 2.46 7.91 2.22
C4B FAD C . 2.07 9.01 3.18
O4B FAD C . 2.56 10.29 2.67
C3B FAD C . 0.57 9.15 3.41
O3B FAD C . 0.23 9.10 4.80
C2B FAD C . 0.27 10.52 2.79
O2B FAD C . -0.82 11.17 3.36
C1B FAD C . 1.58 11.27 2.94
N9A FAD C . 1.86 12.35 2.00
C8A FAD C . 1.80 12.29 0.62
N7A FAD C . 2.27 13.35 0.04
C5A FAD C . 2.62 14.18 1.11
C6A FAD C . 3.15 15.50 1.15
N6A FAD C . 3.44 16.17 0.05
N1A FAD C . 3.39 16.04 2.38
C2A FAD C . 3.08 15.31 3.47
N3A FAD C . 2.62 14.05 3.56
C4A FAD C . 2.39 13.57 2.31
N1 FAD C . -1.24 -4.16 1.24
C2 FAD C . -1.17 -5.23 2.10
O2 FAD C . -0.11 -5.79 2.31
N3 FAD C . -2.31 -5.76 2.67
C4 FAD C . -3.58 -5.30 2.38
O4 FAD C . -4.56 -5.83 2.97
C4X FAD C . -3.68 -4.13 1.59
N5 FAD C . -4.88 -3.63 1.38
C5X FAD C . -4.91 -2.40 0.75
C6 FAD C . -6.15 -1.77 0.63
C7 FAD C . -6.28 -0.52 0.09
C7M FAD C . -7.63 0.15 0.01
C8 FAD C . -5.13 0.13 -0.38
C8M FAD C . -5.21 1.49 -0.99
C9 FAD C . -3.89 -0.52 -0.36
C9A FAD C . -3.75 -1.78 0.24
N10 FAD C . -2.52 -2.44 0.36
C10 FAD C . -2.43 -3.59 1.07
C1' FAD C . -1.28 -1.83 -0.18
C2' FAD C . -0.37 -1.29 0.92
O2' FAD C . -1.14 -0.95 2.01
C3' FAD C . 0.38 -0.10 0.34
O3' FAD C . 1.01 -0.45 -0.90
C4' FAD C . 1.41 0.52 1.29
O4' FAD C . 0.76 0.85 2.54
C5' FAD C . 2.00 1.77 0.69
O5' FAD C . 2.95 2.36 1.67
P FAD C . 3.71 3.75 1.36
O1P FAD C . 4.51 4.10 2.57
O2P FAD C . 4.32 3.68 -0.01
O3P FAD C . 2.47 4.74 1.21
C1 NAG D . -5.61 17.96 -14.48
C2 NAG D . -5.36 17.83 -16.00
C3 NAG D . -6.65 17.77 -16.82
C4 NAG D . -7.52 16.71 -16.14
C5 NAG D . -7.82 17.27 -14.74
C6 NAG D . -9.06 16.73 -14.02
C7 NAG D . -3.14 18.70 -16.57
C8 NAG D . -2.32 19.92 -16.83
N2 NAG D . -4.43 18.91 -16.35
O3 NAG D . -6.37 17.41 -18.18
O4 NAG D . -8.67 16.37 -16.93
O5 NAG D . -6.61 17.03 -13.99
O6 NAG D . -8.96 15.31 -13.95
O7 NAG D . -2.63 17.59 -16.57
C1 NAG E . 6.63 -7.07 -21.64
C2 NAG E . 7.16 -6.49 -22.96
C3 NAG E . 8.50 -7.12 -23.36
C4 NAG E . 9.42 -7.43 -22.19
C5 NAG E . 8.73 -7.74 -20.87
C6 NAG E . 9.77 -7.62 -19.78
C7 NAG E . 5.39 -5.62 -24.42
C8 NAG E . 4.25 -6.00 -25.32
N2 NAG E . 6.14 -6.66 -23.98
O3 NAG E . 9.25 -6.17 -24.13
O4 NAG E . 10.18 -8.59 -22.51
O5 NAG E . 7.61 -6.86 -20.68
O6 NAG E . 9.71 -6.34 -19.21
O7 NAG E . 5.59 -4.44 -24.10
C1 NAG F . 14.51 -15.10 7.19
C2 NAG F . 15.51 -16.26 7.12
C3 NAG F . 14.98 -17.34 6.21
C4 NAG F . 13.56 -17.74 6.55
C5 NAG F . 12.71 -16.47 6.62
C6 NAG F . 11.26 -16.83 6.87
C7 NAG F . 17.82 -15.60 7.36
C8 NAG F . 18.97 -14.87 6.72
N2 NAG F . 16.78 -15.84 6.59
O3 NAG F . 15.84 -18.52 6.22
O4 NAG F . 13.07 -18.48 5.42
O5 NAG F . 13.27 -15.63 7.65
O6 NAG F . 10.51 -15.59 6.73
O7 NAG F . 17.80 -15.86 8.54
C1 NAG G . 9.09 -15.35 -5.83
C2 NAG G . 8.03 -15.76 -6.83
C3 NAG G . 8.63 -16.00 -8.22
C4 NAG G . 9.52 -14.85 -8.67
C5 NAG G . 10.49 -14.41 -7.62
C6 NAG G . 11.12 -13.13 -8.21
C7 NAG G . 6.05 -16.88 -5.97
C8 NAG G . 5.44 -18.18 -5.58
N2 NAG G . 7.37 -16.91 -6.30
O3 NAG G . 7.64 -16.16 -9.24
O4 NAG G . 10.29 -15.38 -9.76
O5 NAG G . 9.78 -14.21 -6.39
O6 NAG G . 12.43 -13.04 -7.73
O7 NAG G . 5.39 -15.85 -6.08
C1 NAG H . -4.89 23.00 13.19
C2 NAG H . -6.03 21.99 13.29
C3 NAG H . -7.23 22.45 12.41
C4 NAG H . -7.64 23.88 12.77
C5 NAG H . -6.42 24.83 12.81
C6 NAG H . -6.75 26.24 13.33
C7 NAG H . -5.37 19.63 13.62
C8 NAG H . -4.87 18.36 12.92
N2 NAG H . -5.68 20.66 12.82
O3 NAG H . -8.26 21.49 12.67
O4 NAG H . -8.58 24.35 11.77
O5 NAG H . -5.38 24.25 13.61
O6 NAG H . -5.55 27.06 13.28
O7 NAG H . -5.36 19.72 14.83
C1 NAG I . 7.80 29.32 -19.97
C2 NAG I . 6.47 29.32 -20.66
C3 NAG I . 6.54 29.93 -22.06
C4 NAG I . 7.20 31.31 -21.97
C5 NAG I . 8.48 31.30 -21.09
C6 NAG I . 8.94 32.73 -20.76
C7 NAG I . 5.03 27.59 -19.76
C8 NAG I . 4.45 26.20 -19.94
N2 NAG I . 5.88 27.96 -20.72
O3 NAG I . 5.22 29.92 -22.59
O4 NAG I . 7.61 31.68 -23.27
O5 NAG I . 8.17 30.71 -19.86
O6 NAG I . 10.30 32.70 -20.36
O7 NAG I . 4.73 28.25 -18.73
C1 PEG J . 17.47 -16.00 3.07
O1 PEG J . 17.73 -17.40 3.03
C2 PEG J . 16.01 -15.72 3.01
O2 PEG J . 15.73 -14.33 3.01
C3 PEG J . 16.15 -13.66 4.19
C4 PEG J . 15.52 -12.34 4.24
O4 PEG J . 15.52 -11.82 5.53
S DMS K . -12.03 -5.97 3.21
O DMS K . -11.44 -5.77 4.63
C1 DMS K . -11.00 -7.10 2.35
C2 DMS K . -13.51 -6.94 3.43
#